data_8CX5
#
_entry.id   8CX5
#
_cell.length_a   41.210
_cell.length_b   65.661
_cell.length_c   61.130
_cell.angle_alpha   90.000
_cell.angle_beta   101.850
_cell.angle_gamma   90.000
#
_symmetry.space_group_name_H-M   'P 1 21 1'
#
loop_
_entity.id
_entity.type
_entity.pdbx_description
1 polymer 'Isoform 2B of GTPase KRas'
2 non-polymer 'MAGNESIUM ION'
3 non-polymer {(2S)-4-[(7P)-7-(8-chloronaphthalen-1-yl)-8-fluoro-2-{[(4R,7as)-tetrahydro-1H-pyrrolizin-7a(5H)-yl]methoxy}pyrido[4,3-d]pyrimidin-4-yl]-1-[(3S)-2,2,3-trihydroxybutanoyl]piperazin-2-yl}acetonitrile
4 non-polymer "GUANOSINE-5'-DIPHOSPHATE"
5 non-polymer 'PHOSPHATE ION'
6 non-polymer 'SODIUM ION'
7 water water
#
_entity_poly.entity_id   1
_entity_poly.type   'polypeptide(L)'
_entity_poly.pdbx_seq_one_letter_code
;GMTEYKLVVVGARGVGKSALTIQLIQNHFVDEYDPTIEDSYRKQVVIDGETSLLDILDTAGQEEYSAMRDQYMRTGEGFL
LVFAINNTKSFEDIHHYREQIKRVKDSEDVPMVLVGNKSDLPSRTVDTKQAQDLARSYGIPFIETSAKTRQGVDDAFYTL
VREIRKHKEK
;
_entity_poly.pdbx_strand_id   A,B
#
loop_
_chem_comp.id
_chem_comp.type
_chem_comp.name
_chem_comp.formula
GDP RNA linking GUANOSINE-5'-DIPHOSPHATE 'C10 H15 N5 O11 P2'
MG non-polymer 'MAGNESIUM ION' 'Mg 2'
NA non-polymer 'SODIUM ION' 'Na 1'
P7U non-polymer {(2S)-4-[(7P)-7-(8-chloronaphthalen-1-yl)-8-fluoro-2-{[(4R,7as)-tetrahydro-1H-pyrrolizin-7a(5H)-yl]methoxy}pyrido[4,3-d]pyrimidin-4-yl]-1-[(3S)-2,2,3-trihydroxybutanoyl]piperazin-2-yl}acetonitrile 'C35 H37 Cl F N7 O5'
PO4 non-polymer 'PHOSPHATE ION' 'O4 P -3'
#
# COMPACT_ATOMS: atom_id res chain seq x y z
N GLY A 1 -2.23 21.13 -7.23
CA GLY A 1 -0.81 21.24 -7.52
C GLY A 1 -0.05 20.14 -6.82
N MET A 2 1.16 20.45 -6.41
CA MET A 2 1.97 19.39 -5.81
C MET A 2 2.96 19.94 -4.81
N THR A 3 3.46 19.04 -4.02
CA THR A 3 4.45 19.31 -2.98
C THR A 3 5.55 18.28 -3.04
N GLU A 4 6.79 18.77 -2.92
CA GLU A 4 7.98 17.94 -2.91
C GLU A 4 8.56 17.79 -1.50
N TYR A 5 9.05 16.58 -1.20
CA TYR A 5 9.63 16.29 0.11
C TYR A 5 10.94 15.57 -0.10
N LYS A 6 12.00 16.05 0.56
CA LYS A 6 13.32 15.40 0.50
C LYS A 6 13.48 14.53 1.73
N LEU A 7 13.50 13.22 1.53
CA LEU A 7 13.60 12.28 2.64
C LEU A 7 14.99 11.67 2.59
N VAL A 8 15.56 11.41 3.77
CA VAL A 8 16.85 10.75 3.84
C VAL A 8 16.71 9.52 4.72
N VAL A 9 17.25 8.41 4.27
CA VAL A 9 17.15 7.15 4.99
C VAL A 9 18.52 6.82 5.55
N VAL A 10 18.61 6.65 6.86
CA VAL A 10 19.90 6.44 7.53
C VAL A 10 19.80 5.23 8.44
N GLY A 11 20.98 4.71 8.80
CA GLY A 11 21.06 3.56 9.69
C GLY A 11 22.23 2.70 9.28
N ALA A 12 22.51 1.69 10.10
CA ALA A 12 23.67 0.86 9.91
C ALA A 12 23.62 0.12 8.57
N ARG A 13 24.79 -0.21 8.05
CA ARG A 13 24.79 -1.04 6.85
C ARG A 13 24.03 -2.33 7.13
N GLY A 14 23.22 -2.75 6.16
CA GLY A 14 22.54 -4.01 6.22
C GLY A 14 21.22 -4.02 6.97
N VAL A 15 20.73 -2.86 7.43
CA VAL A 15 19.45 -2.85 8.13
C VAL A 15 18.30 -2.90 7.15
N GLY A 16 18.54 -2.63 5.88
CA GLY A 16 17.48 -2.65 4.89
C GLY A 16 17.08 -1.31 4.32
N LYS A 17 17.94 -0.31 4.41
CA LYS A 17 17.64 1.01 3.85
C LYS A 17 17.32 0.92 2.37
N SER A 18 18.16 0.21 1.63
CA SER A 18 17.91 0.12 0.18
C SER A 18 16.66 -0.71 -0.11
N ALA A 19 16.48 -1.84 0.58
CA ALA A 19 15.27 -2.64 0.37
C ALA A 19 14.01 -1.86 0.66
N LEU A 20 14.05 -1.03 1.70
CA LEU A 20 12.88 -0.24 2.05
C LEU A 20 12.59 0.78 0.95
N THR A 21 13.62 1.50 0.51
CA THR A 21 13.46 2.49 -0.56
C THR A 21 12.98 1.86 -1.84
N ILE A 22 13.56 0.72 -2.22
CA ILE A 22 13.13 0.09 -3.47
CA ILE A 22 13.17 0.00 -3.47
C ILE A 22 11.69 -0.44 -3.34
N GLN A 23 11.27 -0.85 -2.13
CA GLN A 23 9.85 -1.16 -1.95
C GLN A 23 8.97 0.06 -2.18
N LEU A 24 9.39 1.22 -1.67
CA LEU A 24 8.58 2.40 -1.88
C LEU A 24 8.58 2.79 -3.35
N ILE A 25 9.74 2.78 -4.01
CA ILE A 25 9.84 3.27 -5.39
C ILE A 25 9.28 2.27 -6.39
N GLN A 26 9.66 0.99 -6.27
CA GLN A 26 9.40 -0.02 -7.30
C GLN A 26 8.37 -1.05 -6.88
N ASN A 27 7.89 -0.98 -5.64
CA ASN A 27 6.78 -1.80 -5.15
C ASN A 27 7.08 -3.29 -5.21
N HIS A 28 8.35 -3.67 -5.05
CA HIS A 28 8.70 -5.06 -4.80
C HIS A 28 9.98 -5.15 -3.98
N PHE A 29 10.29 -6.37 -3.56
CA PHE A 29 11.41 -6.63 -2.66
C PHE A 29 12.61 -7.03 -3.48
N VAL A 30 13.70 -6.29 -3.33
CA VAL A 30 14.97 -6.58 -4.00
C VAL A 30 15.97 -6.94 -2.92
N ASP A 31 16.33 -8.23 -2.83
CA ASP A 31 17.06 -8.68 -1.67
C ASP A 31 18.57 -8.54 -1.78
N GLU A 32 19.09 -8.27 -2.98
CA GLU A 32 20.52 -8.02 -3.17
C GLU A 32 20.66 -6.68 -3.87
N TYR A 33 21.11 -5.66 -3.15
CA TYR A 33 21.33 -4.33 -3.69
C TYR A 33 22.67 -3.81 -3.20
N ASP A 34 23.60 -3.55 -4.12
CA ASP A 34 24.96 -3.14 -3.82
C ASP A 34 25.01 -2.26 -2.56
N PRO A 35 25.62 -2.76 -1.47
CA PRO A 35 25.66 -1.98 -0.22
C PRO A 35 26.43 -0.69 -0.33
N THR A 36 27.20 -0.48 -1.38
CA THR A 36 27.99 0.74 -1.50
C THR A 36 27.32 1.81 -2.33
N ILE A 37 26.18 1.53 -2.98
CA ILE A 37 25.54 2.52 -3.83
C ILE A 37 24.70 3.46 -2.98
N GLU A 38 25.01 4.75 -3.05
CA GLU A 38 24.26 5.84 -2.46
C GLU A 38 23.63 6.62 -3.60
N ASP A 39 22.32 6.80 -3.56
CA ASP A 39 21.67 7.56 -4.63
C ASP A 39 20.34 8.08 -4.10
N SER A 40 19.76 9.00 -4.86
CA SER A 40 18.43 9.50 -4.57
CA SER A 40 18.46 9.41 -4.58
C SER A 40 17.43 8.93 -5.57
N TYR A 41 16.26 8.54 -5.08
CA TYR A 41 15.22 7.92 -5.87
C TYR A 41 13.96 8.76 -5.74
N ARG A 42 13.10 8.98 -6.87
CA ARG A 42 11.85 9.74 -6.79
C ARG A 42 10.65 8.81 -6.86
N LYS A 43 9.55 9.38 -6.46
CA LYS A 43 8.30 8.64 -6.66
C LYS A 43 7.20 9.61 -6.28
N GLN A 44 6.24 9.73 -7.18
CA GLN A 44 5.14 10.57 -6.74
C GLN A 44 4.02 9.65 -6.28
N VAL A 45 3.38 10.09 -5.21
CA VAL A 45 2.36 9.35 -4.49
C VAL A 45 1.31 10.37 -4.10
N VAL A 46 0.11 9.90 -3.78
CA VAL A 46 -0.89 10.76 -3.16
C VAL A 46 -0.94 10.37 -1.70
N ILE A 47 -0.80 11.36 -0.83
CA ILE A 47 -0.76 11.19 0.61
C ILE A 47 -1.79 12.14 1.19
N ASP A 48 -2.84 11.60 1.81
CA ASP A 48 -3.97 12.41 2.29
C ASP A 48 -4.49 13.35 1.20
N GLY A 49 -4.62 12.82 -0.01
CA GLY A 49 -5.20 13.56 -1.12
C GLY A 49 -4.25 14.51 -1.84
N GLU A 50 -3.07 14.78 -1.30
CA GLU A 50 -2.13 15.71 -1.89
C GLU A 50 -1.08 14.96 -2.71
N THR A 51 -0.88 15.41 -3.94
CA THR A 51 0.19 14.88 -4.79
C THR A 51 1.52 15.20 -4.14
N SER A 52 2.30 14.17 -3.83
CA SER A 52 3.55 14.34 -3.08
C SER A 52 4.70 13.71 -3.86
N LEU A 53 5.65 14.52 -4.27
CA LEU A 53 6.85 14.02 -4.93
C LEU A 53 7.88 13.73 -3.86
N LEU A 54 8.23 12.46 -3.69
CA LEU A 54 9.21 12.05 -2.69
C LEU A 54 10.54 11.93 -3.38
N ASP A 55 11.54 12.58 -2.82
CA ASP A 55 12.93 12.52 -3.26
C ASP A 55 13.67 11.84 -2.11
N ILE A 56 14.11 10.60 -2.29
CA ILE A 56 14.59 9.77 -1.18
C ILE A 56 16.07 9.49 -1.39
N LEU A 57 16.88 9.96 -0.46
CA LEU A 57 18.31 9.65 -0.42
C LEU A 57 18.49 8.39 0.40
N ASP A 58 18.83 7.31 -0.29
CA ASP A 58 19.25 6.04 0.30
C ASP A 58 20.73 6.10 0.64
N THR A 59 21.05 6.20 1.92
CA THR A 59 22.46 6.43 2.30
C THR A 59 23.35 5.18 2.24
N ALA A 60 24.60 5.44 1.92
CA ALA A 60 25.62 4.41 1.96
C ALA A 60 26.89 5.24 2.07
N GLY A 61 27.98 4.70 1.68
CA GLY A 61 29.21 5.45 1.57
C GLY A 61 30.08 5.06 2.76
N GLN A 62 31.12 5.85 2.95
CA GLN A 62 32.02 5.73 4.08
C GLN A 62 31.51 6.60 5.21
N GLU A 63 31.99 6.32 6.42
CA GLU A 63 31.74 7.23 7.54
C GLU A 63 32.77 8.34 7.48
N GLU A 64 32.47 9.36 6.68
CA GLU A 64 33.31 10.54 6.63
C GLU A 64 32.48 11.76 6.99
N TYR A 65 33.09 12.68 7.72
CA TYR A 65 32.47 13.89 8.21
C TYR A 65 33.20 15.04 7.53
N SER A 66 32.49 15.71 6.64
CA SER A 66 33.08 16.76 5.83
C SER A 66 31.98 17.75 5.59
N ALA A 67 32.35 18.93 5.09
CA ALA A 67 31.31 19.89 4.73
C ALA A 67 30.54 19.43 3.51
N MET A 68 31.12 18.67 2.62
CA MET A 68 30.35 18.16 1.46
C MET A 68 29.24 17.21 1.96
N ARG A 69 29.60 16.23 2.79
CA ARG A 69 28.56 15.30 3.22
C ARG A 69 27.51 16.01 4.05
N ASP A 70 27.93 16.92 4.92
CA ASP A 70 26.96 17.72 5.65
C ASP A 70 26.02 18.47 4.70
N GLN A 71 26.52 18.93 3.54
CA GLN A 71 25.63 19.65 2.62
C GLN A 71 24.56 18.74 2.02
N TYR A 72 24.95 17.55 1.55
CA TYR A 72 23.95 16.59 1.09
C TYR A 72 22.93 16.29 2.16
N MET A 73 23.40 16.06 3.39
CA MET A 73 22.49 15.58 4.42
C MET A 73 21.54 16.68 4.85
N ARG A 74 22.05 17.92 4.89
CA ARG A 74 21.26 19.07 5.30
C ARG A 74 20.11 19.34 4.34
N THR A 75 20.22 18.88 3.08
CA THR A 75 19.10 19.03 2.15
C THR A 75 17.88 18.22 2.58
N GLY A 76 18.07 17.22 3.43
CA GLY A 76 16.94 16.39 3.86
C GLY A 76 16.00 17.16 4.75
N GLU A 77 14.69 17.06 4.46
CA GLU A 77 13.69 17.68 5.31
C GLU A 77 13.23 16.74 6.42
N GLY A 78 13.34 15.44 6.20
CA GLY A 78 12.98 14.48 7.21
C GLY A 78 13.85 13.27 7.00
N PHE A 79 13.99 12.50 8.07
CA PHE A 79 14.91 11.36 8.10
C PHE A 79 14.19 10.12 8.63
N LEU A 80 14.41 9.00 7.96
CA LEU A 80 14.05 7.70 8.52
C LEU A 80 15.26 7.15 9.26
N LEU A 81 15.09 6.85 10.55
CA LEU A 81 16.15 6.24 11.36
C LEU A 81 15.88 4.75 11.39
N VAL A 82 16.66 3.97 10.62
CA VAL A 82 16.35 2.55 10.43
C VAL A 82 17.32 1.68 11.22
N PHE A 83 16.76 0.76 11.98
CA PHE A 83 17.51 -0.35 12.56
C PHE A 83 16.85 -1.66 12.16
N ALA A 84 17.56 -2.77 12.35
CA ALA A 84 16.96 -4.08 12.11
C ALA A 84 16.59 -4.66 13.46
N ILE A 85 15.38 -5.22 13.58
CA ILE A 85 14.91 -5.72 14.87
C ILE A 85 15.70 -6.93 15.34
N ASN A 86 16.50 -7.53 14.46
CA ASN A 86 17.35 -8.66 14.83
C ASN A 86 18.81 -8.25 14.96
N ASN A 87 19.09 -6.96 15.11
CA ASN A 87 20.48 -6.51 15.21
C ASN A 87 20.57 -5.42 16.26
N THR A 88 21.03 -5.78 17.46
CA THR A 88 21.05 -4.85 18.57
C THR A 88 22.01 -3.68 18.30
N LYS A 89 23.16 -3.95 17.70
CA LYS A 89 24.12 -2.88 17.41
C LYS A 89 23.47 -1.81 16.54
N SER A 90 22.68 -2.22 15.52
CA SER A 90 22.04 -1.24 14.67
C SER A 90 21.07 -0.37 15.44
N PHE A 91 20.42 -0.93 16.47
CA PHE A 91 19.54 -0.14 17.32
C PHE A 91 20.33 0.79 18.22
N GLU A 92 21.44 0.31 18.79
CA GLU A 92 22.27 1.19 19.62
C GLU A 92 22.85 2.34 18.82
N ASP A 93 23.07 2.14 17.51
CA ASP A 93 23.63 3.16 16.62
C ASP A 93 22.68 4.32 16.38
N ILE A 94 21.38 4.15 16.66
CA ILE A 94 20.38 5.14 16.26
C ILE A 94 20.67 6.48 16.92
N HIS A 95 21.08 6.47 18.20
CA HIS A 95 21.35 7.72 18.91
C HIS A 95 22.39 8.56 18.17
N HIS A 96 23.46 7.93 17.69
CA HIS A 96 24.49 8.62 16.93
C HIS A 96 23.94 9.24 15.65
N TYR A 97 23.12 8.51 14.91
CA TYR A 97 22.58 9.06 13.67
C TYR A 97 21.72 10.30 13.97
N ARG A 98 20.87 10.20 15.00
CA ARG A 98 20.02 11.34 15.33
C ARG A 98 20.85 12.56 15.71
N GLU A 99 21.96 12.36 16.44
CA GLU A 99 22.82 13.49 16.82
C GLU A 99 23.43 14.16 15.60
N GLN A 100 23.87 13.37 14.63
CA GLN A 100 24.46 13.97 13.45
C GLN A 100 23.39 14.72 12.65
N ILE A 101 22.17 14.17 12.61
CA ILE A 101 21.06 14.88 12.01
C ILE A 101 20.83 16.23 12.70
N LYS A 102 20.72 16.21 14.02
CA LYS A 102 20.50 17.46 14.77
C LYS A 102 21.61 18.45 14.50
N ARG A 103 22.85 17.96 14.34
CA ARG A 103 23.96 18.86 14.10
C ARG A 103 23.84 19.56 12.75
N VAL A 104 23.54 18.81 11.69
CA VAL A 104 23.54 19.43 10.37
C VAL A 104 22.27 20.25 10.15
N LYS A 105 21.17 19.92 10.81
CA LYS A 105 19.96 20.71 10.70
C LYS A 105 19.90 21.83 11.73
N ASP A 106 20.86 21.88 12.66
CA ASP A 106 20.96 22.92 13.68
C ASP A 106 19.62 23.08 14.41
N SER A 107 19.05 21.94 14.80
CA SER A 107 17.80 21.94 15.52
C SER A 107 17.59 20.58 16.18
N GLU A 108 16.93 20.60 17.33
CA GLU A 108 16.46 19.38 17.95
C GLU A 108 15.09 18.97 17.43
N ASP A 109 14.46 19.83 16.64
CA ASP A 109 13.13 19.63 16.09
C ASP A 109 13.31 19.37 14.60
N VAL A 110 13.63 18.11 14.29
CA VAL A 110 13.84 17.65 12.92
C VAL A 110 12.82 16.53 12.70
N PRO A 111 12.05 16.55 11.61
CA PRO A 111 11.14 15.43 11.36
C PRO A 111 11.93 14.13 11.19
N MET A 112 11.56 13.13 11.98
CA MET A 112 12.21 11.83 11.94
C MET A 112 11.18 10.78 12.29
N VAL A 113 11.36 9.57 11.78
CA VAL A 113 10.56 8.42 12.17
C VAL A 113 11.54 7.31 12.48
N LEU A 114 11.35 6.65 13.60
CA LEU A 114 12.15 5.50 13.96
C LEU A 114 11.54 4.25 13.34
N VAL A 115 12.34 3.47 12.62
CA VAL A 115 11.86 2.33 11.82
C VAL A 115 12.60 1.07 12.25
N GLY A 116 11.86 0.11 12.79
CA GLY A 116 12.42 -1.20 13.10
C GLY A 116 12.10 -2.15 11.97
N ASN A 117 13.08 -2.41 11.11
CA ASN A 117 12.88 -3.22 9.91
C ASN A 117 13.12 -4.69 10.20
N LYS A 118 12.72 -5.54 9.24
CA LYS A 118 12.85 -7.01 9.28
C LYS A 118 11.89 -7.63 10.28
N SER A 119 10.71 -7.02 10.43
CA SER A 119 9.68 -7.50 11.33
C SER A 119 9.18 -8.88 10.95
N ASP A 120 9.50 -9.36 9.75
CA ASP A 120 9.09 -10.69 9.32
C ASP A 120 9.92 -11.79 9.98
N LEU A 121 11.05 -11.42 10.59
CA LEU A 121 12.02 -12.42 11.09
C LEU A 121 11.69 -12.93 12.49
N PRO A 122 11.91 -14.23 12.74
CA PRO A 122 11.56 -14.83 14.02
C PRO A 122 12.46 -14.54 15.20
N SER A 123 13.72 -14.20 14.96
CA SER A 123 14.67 -14.07 16.08
C SER A 123 14.92 -12.60 16.38
N ARG A 124 13.87 -11.95 16.87
CA ARG A 124 13.97 -10.55 17.29
C ARG A 124 14.90 -10.41 18.49
N THR A 125 15.83 -9.44 18.43
CA THR A 125 16.68 -9.10 19.57
C THR A 125 16.33 -7.76 20.20
N VAL A 126 15.74 -6.86 19.45
CA VAL A 126 15.30 -5.58 19.97
C VAL A 126 13.81 -5.73 20.27
N ASP A 127 13.44 -5.51 21.53
CA ASP A 127 12.05 -5.57 21.92
C ASP A 127 11.31 -4.34 21.43
N THR A 128 10.05 -4.54 20.99
CA THR A 128 9.23 -3.44 20.53
C THR A 128 9.09 -2.36 21.59
N LYS A 129 9.12 -2.77 22.84
CA LYS A 129 8.99 -1.81 23.95
C LYS A 129 10.25 -0.95 24.04
N GLN A 130 11.41 -1.56 23.84
CA GLN A 130 12.67 -0.80 23.89
C GLN A 130 12.64 0.26 22.78
N ALA A 131 12.13 -0.11 21.61
CA ALA A 131 12.08 0.83 20.47
C ALA A 131 11.05 1.93 20.71
N GLN A 132 9.86 1.58 21.23
CA GLN A 132 8.86 2.61 21.52
C GLN A 132 9.36 3.63 22.54
N ASP A 133 10.05 3.20 23.59
CA ASP A 133 10.61 4.16 24.54
C ASP A 133 11.69 5.02 23.91
N LEU A 134 12.52 4.46 23.04
CA LEU A 134 13.49 5.29 22.34
C LEU A 134 12.78 6.36 21.50
N ALA A 135 11.75 5.97 20.73
CA ALA A 135 11.02 6.96 19.94
C ALA A 135 10.31 7.97 20.83
N ARG A 136 9.76 7.52 21.95
CA ARG A 136 9.08 8.44 22.85
C ARG A 136 10.05 9.45 23.44
N SER A 137 11.26 9.00 23.80
CA SER A 137 12.27 9.89 24.35
C SER A 137 12.72 10.93 23.31
N TYR A 138 12.62 10.59 22.02
CA TYR A 138 12.90 11.53 20.96
C TYR A 138 11.68 12.34 20.55
N GLY A 139 10.49 11.94 20.99
CA GLY A 139 9.28 12.61 20.55
C GLY A 139 8.93 12.35 19.10
N ILE A 140 9.20 11.13 18.60
CA ILE A 140 8.97 10.85 17.19
C ILE A 140 8.16 9.56 17.05
N PRO A 141 7.54 9.36 15.88
CA PRO A 141 6.77 8.13 15.68
C PRO A 141 7.69 6.94 15.50
N PHE A 142 7.18 5.77 15.84
CA PHE A 142 7.89 4.51 15.63
C PHE A 142 7.01 3.53 14.85
N ILE A 143 7.60 2.81 13.89
CA ILE A 143 6.88 1.81 13.12
C ILE A 143 7.79 0.62 12.86
N GLU A 144 7.25 -0.58 12.99
CA GLU A 144 7.93 -1.77 12.53
C GLU A 144 7.54 -2.09 11.10
N THR A 145 8.55 -2.41 10.31
CA THR A 145 8.39 -2.64 8.88
C THR A 145 9.02 -3.97 8.50
N SER A 146 8.63 -4.44 7.34
CA SER A 146 9.37 -5.51 6.65
C SER A 146 9.42 -5.13 5.18
N ALA A 147 10.62 -4.84 4.68
CA ALA A 147 10.75 -4.67 3.23
C ALA A 147 10.49 -5.98 2.49
N LYS A 148 10.62 -7.11 3.17
CA LYS A 148 10.37 -8.40 2.51
C LYS A 148 8.89 -8.60 2.24
N THR A 149 8.05 -8.39 3.26
CA THR A 149 6.60 -8.57 3.11
C THR A 149 5.86 -7.28 2.78
N ARG A 150 6.56 -6.15 2.72
CA ARG A 150 6.07 -4.79 2.53
C ARG A 150 5.26 -4.25 3.72
N GLN A 151 5.19 -4.88 4.79
CA GLN A 151 4.45 -4.42 5.97
C GLN A 151 5.05 -3.14 6.51
N GLY A 152 4.15 -2.17 6.64
CA GLY A 152 4.51 -0.87 7.17
C GLY A 152 5.36 0.02 6.27
N VAL A 153 5.74 -0.43 5.08
CA VAL A 153 6.69 0.35 4.27
C VAL A 153 6.08 1.69 3.86
N ASP A 154 4.91 1.64 3.22
CA ASP A 154 4.22 2.86 2.83
C ASP A 154 4.03 3.78 4.04
N ASP A 155 3.53 3.23 5.16
CA ASP A 155 3.21 4.06 6.31
C ASP A 155 4.45 4.70 6.92
N ALA A 156 5.58 4.03 6.86
CA ALA A 156 6.81 4.63 7.38
C ALA A 156 7.15 5.89 6.62
N PHE A 157 7.15 5.83 5.28
CA PHE A 157 7.47 7.03 4.51
C PHE A 157 6.36 8.07 4.61
N TYR A 158 5.11 7.65 4.57
CA TYR A 158 4.01 8.63 4.62
C TYR A 158 3.93 9.31 5.99
N THR A 159 4.23 8.58 7.06
CA THR A 159 4.30 9.21 8.38
C THR A 159 5.40 10.25 8.43
N LEU A 160 6.55 9.96 7.82
CA LEU A 160 7.61 10.97 7.76
C LEU A 160 7.15 12.19 6.99
N VAL A 161 6.43 11.99 5.88
CA VAL A 161 5.88 13.13 5.13
C VAL A 161 4.97 13.95 6.03
N ARG A 162 4.09 13.27 6.78
CA ARG A 162 3.20 13.99 7.66
C ARG A 162 3.97 14.74 8.74
N GLU A 163 5.07 14.17 9.23
CA GLU A 163 5.90 14.89 10.19
C GLU A 163 6.55 16.14 9.58
N ILE A 164 7.00 16.05 8.33
CA ILE A 164 7.57 17.23 7.69
C ILE A 164 6.50 18.30 7.57
N ARG A 165 5.32 17.95 7.08
CA ARG A 165 4.27 18.99 6.83
C ARG A 165 4.11 19.87 8.07
N LYS A 166 4.03 19.29 9.22
CA LYS A 166 3.87 19.92 10.55
C LYS A 166 5.08 20.81 10.86
N HIS A 167 6.17 20.25 10.61
CA HIS A 167 7.33 21.07 10.91
C HIS A 167 7.39 22.29 10.01
N LYS A 168 6.91 22.16 8.76
CA LYS A 168 6.91 23.28 7.83
C LYS A 168 5.93 24.36 8.24
N GLU A 169 5.01 24.03 9.13
CA GLU A 169 3.97 25.02 9.52
C GLU A 169 4.58 26.08 10.43
N LYS A 170 5.70 25.74 11.06
CA LYS A 170 6.28 26.67 12.02
C LYS A 170 6.83 27.92 11.34
N GLY B 1 -19.17 -28.65 -19.61
CA GLY B 1 -19.72 -28.25 -18.36
C GLY B 1 -19.63 -26.76 -18.08
N MET B 2 -20.08 -26.46 -16.88
CA MET B 2 -20.06 -25.08 -16.42
C MET B 2 -19.24 -25.08 -15.13
N THR B 3 -18.75 -23.94 -14.73
CA THR B 3 -18.01 -23.79 -13.47
C THR B 3 -18.65 -22.59 -12.77
N GLU B 4 -18.92 -22.73 -11.49
CA GLU B 4 -19.42 -21.64 -10.67
C GLU B 4 -18.27 -20.94 -9.97
N TYR B 5 -18.39 -19.63 -9.82
CA TYR B 5 -17.38 -18.82 -9.15
C TYR B 5 -18.09 -17.89 -8.19
N LYS B 6 -17.69 -17.89 -6.93
CA LYS B 6 -18.26 -16.96 -5.97
C LYS B 6 -17.34 -15.75 -5.88
N LEU B 7 -17.82 -14.61 -6.34
CA LEU B 7 -17.03 -13.40 -6.40
C LEU B 7 -17.63 -12.43 -5.39
N VAL B 8 -16.76 -11.64 -4.78
CA VAL B 8 -17.16 -10.66 -3.76
C VAL B 8 -16.60 -9.30 -4.17
N VAL B 9 -17.46 -8.29 -4.16
CA VAL B 9 -17.08 -6.94 -4.56
C VAL B 9 -17.03 -6.09 -3.29
N VAL B 10 -15.84 -5.54 -2.98
CA VAL B 10 -15.62 -4.76 -1.77
C VAL B 10 -14.98 -3.42 -2.11
N GLY B 11 -15.02 -2.50 -1.15
CA GLY B 11 -14.47 -1.19 -1.34
C GLY B 11 -15.36 -0.17 -0.66
N ALA B 12 -14.88 1.07 -0.56
CA ALA B 12 -15.61 2.12 0.15
C ALA B 12 -17.01 2.33 -0.41
N ARG B 13 -17.90 2.82 0.45
CA ARG B 13 -19.23 3.18 -0.01
C ARG B 13 -19.14 4.21 -1.11
N GLY B 14 -19.93 4.02 -2.17
CA GLY B 14 -20.01 4.99 -3.24
C GLY B 14 -19.01 4.85 -4.36
N VAL B 15 -18.16 3.80 -4.34
CA VAL B 15 -17.18 3.66 -5.43
C VAL B 15 -17.77 3.07 -6.69
N GLY B 16 -18.94 2.42 -6.60
CA GLY B 16 -19.53 1.81 -7.77
C GLY B 16 -19.66 0.31 -7.72
N LYS B 17 -19.61 -0.29 -6.53
CA LYS B 17 -19.71 -1.75 -6.40
C LYS B 17 -21.03 -2.26 -6.98
N SER B 18 -22.14 -1.68 -6.56
CA SER B 18 -23.43 -2.12 -7.08
C SER B 18 -23.58 -1.85 -8.58
N ALA B 19 -23.14 -0.67 -9.03
CA ALA B 19 -23.23 -0.33 -10.44
C ALA B 19 -22.42 -1.28 -11.30
N LEU B 20 -21.21 -1.62 -10.85
CA LEU B 20 -20.42 -2.62 -11.54
C LEU B 20 -21.14 -3.97 -11.55
N THR B 21 -21.67 -4.38 -10.42
CA THR B 21 -22.33 -5.68 -10.33
C THR B 21 -23.54 -5.74 -11.27
N ILE B 22 -24.38 -4.71 -11.23
CA ILE B 22 -25.55 -4.72 -12.10
C ILE B 22 -25.15 -4.64 -13.59
N GLN B 23 -24.02 -4.00 -13.90
CA GLN B 23 -23.56 -4.03 -15.30
C GLN B 23 -23.22 -5.45 -15.75
N LEU B 24 -22.62 -6.26 -14.88
CA LEU B 24 -22.36 -7.65 -15.24
C LEU B 24 -23.67 -8.43 -15.36
N ILE B 25 -24.60 -8.22 -14.43
CA ILE B 25 -25.82 -9.01 -14.35
C ILE B 25 -26.80 -8.59 -15.46
N GLN B 26 -26.98 -7.28 -15.65
CA GLN B 26 -28.09 -6.82 -16.48
C GLN B 26 -27.62 -6.10 -17.73
N ASN B 27 -26.31 -5.89 -17.86
CA ASN B 27 -25.68 -5.31 -19.05
C ASN B 27 -26.13 -3.89 -19.34
N HIS B 28 -26.45 -3.11 -18.31
CA HIS B 28 -26.59 -1.67 -18.49
C HIS B 28 -26.40 -0.98 -17.13
N PHE B 29 -26.36 0.36 -17.17
CA PHE B 29 -25.99 1.15 -15.99
C PHE B 29 -27.22 1.57 -15.20
N VAL B 30 -27.18 1.18 -13.93
CA VAL B 30 -28.24 1.58 -12.97
C VAL B 30 -27.68 2.68 -12.07
N ASP B 31 -28.12 3.92 -12.22
CA ASP B 31 -27.59 5.12 -11.53
C ASP B 31 -27.65 5.14 -9.99
N GLU B 32 -28.79 4.88 -9.36
CA GLU B 32 -28.73 5.04 -7.91
C GLU B 32 -29.20 3.79 -7.19
N TYR B 33 -28.41 2.72 -7.29
CA TYR B 33 -28.84 1.39 -6.78
C TYR B 33 -28.74 1.09 -5.29
N ASP B 34 -29.93 0.91 -4.67
CA ASP B 34 -30.10 0.52 -3.23
C ASP B 34 -28.77 0.61 -2.47
N PRO B 35 -28.34 1.81 -2.06
CA PRO B 35 -27.01 1.94 -1.46
C PRO B 35 -26.83 1.21 -0.15
N THR B 36 -27.91 0.78 0.52
CA THR B 36 -27.79 0.09 1.80
C THR B 36 -28.00 -1.41 1.71
N ILE B 37 -28.35 -1.95 0.56
CA ILE B 37 -28.70 -3.38 0.45
C ILE B 37 -27.47 -4.18 0.06
N GLU B 38 -27.17 -5.20 0.84
CA GLU B 38 -26.17 -6.19 0.46
C GLU B 38 -26.92 -7.43 -0.02
N ASP B 39 -26.53 -7.93 -1.20
CA ASP B 39 -27.21 -9.08 -1.79
C ASP B 39 -26.25 -9.76 -2.74
N SER B 40 -26.60 -10.98 -3.11
CA SER B 40 -25.85 -11.71 -4.13
C SER B 40 -26.70 -11.87 -5.37
N TYR B 41 -26.02 -11.85 -6.51
CA TYR B 41 -26.66 -11.88 -7.82
C TYR B 41 -25.95 -12.93 -8.66
N ARG B 42 -26.65 -13.69 -9.47
CA ARG B 42 -26.01 -14.73 -10.29
C ARG B 42 -26.18 -14.42 -11.78
N LYS B 43 -25.24 -14.74 -12.50
CA LYS B 43 -25.32 -14.57 -13.95
C LYS B 43 -24.47 -15.63 -14.64
N GLN B 44 -25.08 -16.33 -15.60
CA GLN B 44 -24.35 -17.21 -16.51
C GLN B 44 -23.75 -16.38 -17.64
N VAL B 45 -22.43 -16.50 -17.81
CA VAL B 45 -21.68 -15.87 -18.87
C VAL B 45 -20.85 -16.96 -19.55
N VAL B 46 -20.01 -16.57 -20.49
CA VAL B 46 -19.03 -17.45 -21.11
C VAL B 46 -17.69 -16.73 -21.09
N ILE B 47 -16.65 -17.40 -20.56
CA ILE B 47 -15.33 -16.79 -20.38
C ILE B 47 -14.28 -17.72 -20.99
N ASP B 48 -13.59 -17.25 -22.03
CA ASP B 48 -12.63 -18.10 -22.76
C ASP B 48 -13.30 -19.39 -23.24
N GLY B 49 -14.53 -19.27 -23.71
CA GLY B 49 -15.29 -20.38 -24.24
C GLY B 49 -15.92 -21.28 -23.20
N GLU B 50 -15.68 -21.05 -21.91
CA GLU B 50 -16.19 -21.89 -20.84
C GLU B 50 -17.43 -21.27 -20.22
N THR B 51 -18.52 -22.03 -20.18
CA THR B 51 -19.71 -21.54 -19.51
C THR B 51 -19.42 -21.37 -18.02
N SER B 52 -19.79 -20.20 -17.50
CA SER B 52 -19.38 -19.80 -16.17
C SER B 52 -20.58 -19.22 -15.46
N LEU B 53 -20.87 -19.70 -14.27
CA LEU B 53 -21.92 -19.13 -13.43
C LEU B 53 -21.24 -18.23 -12.40
N LEU B 54 -21.49 -16.93 -12.48
CA LEU B 54 -20.89 -15.98 -11.55
C LEU B 54 -21.89 -15.63 -10.46
N ASP B 55 -21.56 -15.98 -9.22
CA ASP B 55 -22.39 -15.67 -8.07
C ASP B 55 -21.69 -14.51 -7.36
N ILE B 56 -22.28 -13.32 -7.42
CA ILE B 56 -21.56 -12.10 -7.07
C ILE B 56 -22.18 -11.50 -5.83
N LEU B 57 -21.38 -11.35 -4.77
CA LEU B 57 -21.81 -10.68 -3.53
C LEU B 57 -21.42 -9.22 -3.63
N ASP B 58 -22.43 -8.36 -3.69
CA ASP B 58 -22.30 -6.91 -3.72
C ASP B 58 -22.35 -6.45 -2.26
N THR B 59 -21.20 -6.11 -1.69
CA THR B 59 -21.11 -5.89 -0.25
CA THR B 59 -21.08 -5.98 -0.25
C THR B 59 -21.70 -4.54 0.14
N ALA B 60 -22.41 -4.51 1.27
CA ALA B 60 -22.86 -3.26 1.86
C ALA B 60 -22.98 -3.48 3.37
N GLY B 61 -23.80 -2.69 4.02
CA GLY B 61 -24.11 -2.97 5.41
C GLY B 61 -23.07 -2.42 6.35
N GLN B 62 -23.19 -2.81 7.61
CA GLN B 62 -22.39 -2.21 8.66
C GLN B 62 -21.01 -2.86 8.73
N GLU B 63 -20.03 -2.08 9.15
CA GLU B 63 -18.70 -2.62 9.38
C GLU B 63 -18.75 -3.51 10.62
N GLU B 64 -18.61 -4.82 10.42
CA GLU B 64 -18.75 -5.81 11.48
C GLU B 64 -17.65 -6.84 11.37
N TYR B 65 -17.01 -7.17 12.48
CA TYR B 65 -15.94 -8.15 12.50
C TYR B 65 -16.35 -9.23 13.48
N SER B 66 -17.01 -10.27 12.98
CA SER B 66 -17.45 -11.39 13.79
C SER B 66 -17.04 -12.69 13.14
N ALA B 67 -16.67 -13.71 13.93
CA ALA B 67 -16.12 -15.00 13.37
C ALA B 67 -17.05 -15.39 12.25
N MET B 68 -18.32 -14.98 12.43
CA MET B 68 -19.40 -15.25 11.45
C MET B 68 -19.38 -14.38 10.21
N ARG B 69 -19.41 -13.04 10.34
CA ARG B 69 -19.27 -12.24 9.12
C ARG B 69 -18.04 -12.80 8.40
N ASP B 70 -16.94 -12.98 9.13
CA ASP B 70 -15.73 -13.58 8.56
C ASP B 70 -16.02 -14.87 7.81
N GLN B 71 -16.94 -15.67 8.36
CA GLN B 71 -17.27 -16.98 7.82
C GLN B 71 -17.75 -16.90 6.38
N TYR B 72 -18.65 -15.94 6.14
CA TYR B 72 -19.27 -15.85 4.79
C TYR B 72 -18.40 -15.03 3.84
N MET B 73 -17.72 -14.00 4.34
CA MET B 73 -16.72 -13.37 3.48
C MET B 73 -15.74 -14.43 2.98
N ARG B 74 -15.40 -15.37 3.86
CA ARG B 74 -14.42 -16.40 3.56
C ARG B 74 -14.88 -17.32 2.42
N THR B 75 -16.18 -17.44 2.19
CA THR B 75 -16.66 -18.28 1.09
C THR B 75 -16.50 -17.65 -0.27
N GLY B 76 -16.05 -16.40 -0.34
CA GLY B 76 -15.72 -15.84 -1.63
C GLY B 76 -14.47 -16.50 -2.17
N GLU B 77 -14.48 -16.83 -3.46
CA GLU B 77 -13.28 -17.37 -4.08
C GLU B 77 -12.37 -16.30 -4.64
N GLY B 78 -12.90 -15.13 -4.96
CA GLY B 78 -12.07 -14.06 -5.44
C GLY B 78 -12.75 -12.75 -5.14
N PHE B 79 -11.97 -11.70 -5.10
CA PHE B 79 -12.46 -10.42 -4.63
C PHE B 79 -12.09 -9.33 -5.61
N LEU B 80 -13.05 -8.43 -5.90
CA LEU B 80 -12.77 -7.21 -6.62
C LEU B 80 -12.55 -6.12 -5.59
N LEU B 81 -11.37 -5.51 -5.58
CA LEU B 81 -11.06 -4.39 -4.70
C LEU B 81 -11.33 -3.12 -5.49
N VAL B 82 -12.39 -2.40 -5.16
CA VAL B 82 -12.86 -1.30 -6.03
C VAL B 82 -12.58 0.02 -5.35
N PHE B 83 -11.93 0.93 -6.07
CA PHE B 83 -11.92 2.33 -5.68
C PHE B 83 -12.47 3.13 -6.86
N ALA B 84 -12.69 4.44 -6.66
CA ALA B 84 -13.11 5.29 -7.77
C ALA B 84 -12.00 6.30 -8.11
N ILE B 85 -11.80 6.56 -9.41
CA ILE B 85 -10.57 7.21 -9.84
C ILE B 85 -10.61 8.70 -9.55
N ASN B 86 -11.76 9.21 -9.13
CA ASN B 86 -11.93 10.60 -8.72
C ASN B 86 -12.07 10.73 -7.21
N ASN B 87 -11.56 9.77 -6.45
CA ASN B 87 -11.80 9.74 -5.02
C ASN B 87 -10.53 9.14 -4.39
N THR B 88 -9.57 9.98 -4.04
CA THR B 88 -8.32 9.46 -3.48
C THR B 88 -8.54 8.75 -2.15
N LYS B 89 -9.57 9.11 -1.41
CA LYS B 89 -9.85 8.44 -0.14
C LYS B 89 -10.21 6.96 -0.35
N SER B 90 -10.99 6.66 -1.40
CA SER B 90 -11.33 5.25 -1.65
C SER B 90 -10.09 4.47 -2.06
N PHE B 91 -9.17 5.13 -2.76
CA PHE B 91 -7.91 4.49 -3.16
C PHE B 91 -7.03 4.23 -1.95
N GLU B 92 -6.92 5.22 -1.07
CA GLU B 92 -6.12 5.09 0.14
C GLU B 92 -6.72 4.11 1.13
N ASP B 93 -7.96 3.65 0.90
CA ASP B 93 -8.61 2.64 1.70
C ASP B 93 -8.40 1.21 1.21
N ILE B 94 -7.80 1.02 0.02
CA ILE B 94 -7.76 -0.30 -0.58
C ILE B 94 -6.96 -1.28 0.27
N HIS B 95 -5.84 -0.81 0.83
CA HIS B 95 -5.01 -1.69 1.66
C HIS B 95 -5.81 -2.34 2.78
N HIS B 96 -6.75 -1.60 3.36
CA HIS B 96 -7.56 -2.15 4.43
C HIS B 96 -8.39 -3.35 3.96
N TYR B 97 -9.06 -3.22 2.81
CA TYR B 97 -9.90 -4.34 2.40
C TYR B 97 -9.05 -5.55 2.04
N ARG B 98 -7.93 -5.27 1.45
CA ARG B 98 -7.03 -6.39 1.17
C ARG B 98 -6.54 -7.03 2.46
N GLU B 99 -6.32 -6.28 3.43
CA GLU B 99 -5.88 -6.84 4.71
C GLU B 99 -6.97 -7.72 5.32
N GLN B 100 -8.23 -7.27 5.26
CA GLN B 100 -9.35 -8.05 5.78
C GLN B 100 -9.56 -9.33 5.00
N ILE B 101 -9.39 -9.29 3.67
CA ILE B 101 -9.51 -10.51 2.88
C ILE B 101 -8.44 -11.52 3.26
N LYS B 102 -7.20 -11.07 3.38
CA LYS B 102 -6.13 -11.98 3.81
C LYS B 102 -6.39 -12.49 5.21
N ARG B 103 -6.94 -11.64 6.09
CA ARG B 103 -7.23 -12.06 7.47
C ARG B 103 -8.16 -13.27 7.50
N VAL B 104 -9.27 -13.22 6.75
CA VAL B 104 -10.29 -14.25 6.88
C VAL B 104 -10.03 -15.47 5.99
N LYS B 105 -9.35 -15.28 4.85
CA LYS B 105 -9.02 -16.42 4.00
C LYS B 105 -7.78 -17.16 4.48
N ASP B 106 -7.03 -16.57 5.42
CA ASP B 106 -5.91 -17.19 6.12
C ASP B 106 -4.67 -17.24 5.23
N SER B 107 -4.86 -17.10 3.92
CA SER B 107 -3.76 -17.17 2.97
C SER B 107 -3.39 -15.79 2.46
N GLU B 108 -2.29 -15.75 1.72
CA GLU B 108 -1.92 -14.57 0.93
C GLU B 108 -2.19 -14.74 -0.55
N ASP B 109 -2.23 -15.98 -1.05
CA ASP B 109 -2.65 -16.22 -2.43
C ASP B 109 -4.17 -16.33 -2.46
N VAL B 110 -4.80 -15.18 -2.34
CA VAL B 110 -6.23 -15.01 -2.59
C VAL B 110 -6.41 -14.31 -3.92
N PRO B 111 -7.16 -14.89 -4.86
CA PRO B 111 -7.44 -14.20 -6.13
C PRO B 111 -8.08 -12.84 -5.86
N MET B 112 -7.46 -11.80 -6.41
CA MET B 112 -8.00 -10.45 -6.29
C MET B 112 -7.67 -9.66 -7.54
N VAL B 113 -8.51 -8.67 -7.83
CA VAL B 113 -8.24 -7.71 -8.90
C VAL B 113 -8.51 -6.33 -8.34
N LEU B 114 -7.60 -5.40 -8.59
CA LEU B 114 -7.78 -3.99 -8.23
C LEU B 114 -8.56 -3.31 -9.36
N VAL B 115 -9.64 -2.62 -9.01
CA VAL B 115 -10.53 -2.00 -10.01
C VAL B 115 -10.61 -0.52 -9.71
N GLY B 116 -10.17 0.30 -10.65
CA GLY B 116 -10.39 1.73 -10.52
C GLY B 116 -11.59 2.11 -11.38
N ASN B 117 -12.71 2.38 -10.73
CA ASN B 117 -13.97 2.64 -11.41
C ASN B 117 -14.16 4.13 -11.67
N LYS B 118 -15.22 4.43 -12.44
CA LYS B 118 -15.63 5.80 -12.80
C LYS B 118 -14.64 6.45 -13.77
N SER B 119 -14.04 5.64 -14.66
CA SER B 119 -13.01 6.14 -15.58
C SER B 119 -13.58 7.13 -16.57
N ASP B 120 -14.91 7.18 -16.70
CA ASP B 120 -15.55 8.11 -17.61
C ASP B 120 -15.49 9.55 -17.12
N LEU B 121 -15.28 9.74 -15.84
CA LEU B 121 -15.35 11.07 -15.23
C LEU B 121 -14.08 11.85 -15.54
N PRO B 122 -14.20 13.16 -15.80
CA PRO B 122 -13.01 13.94 -16.18
C PRO B 122 -12.13 14.31 -15.02
N SER B 123 -12.68 14.39 -13.82
CA SER B 123 -11.93 14.92 -12.64
C SER B 123 -11.12 13.84 -11.93
N ARG B 124 -10.25 13.21 -12.69
CA ARG B 124 -9.43 12.12 -12.15
C ARG B 124 -8.43 12.65 -11.14
N THR B 125 -8.38 12.01 -9.97
CA THR B 125 -7.38 12.32 -8.97
C THR B 125 -6.45 11.15 -8.64
N VAL B 126 -6.72 9.95 -9.15
CA VAL B 126 -5.85 8.80 -8.92
C VAL B 126 -5.22 8.46 -10.26
N ASP B 127 -3.92 8.69 -10.36
CA ASP B 127 -3.20 8.43 -11.60
C ASP B 127 -3.16 6.93 -11.88
N THR B 128 -3.30 6.57 -13.16
CA THR B 128 -3.30 5.16 -13.53
C THR B 128 -2.02 4.46 -13.08
N LYS B 129 -0.86 5.10 -13.28
CA LYS B 129 0.40 4.48 -12.87
C LYS B 129 0.45 4.29 -11.36
N GLN B 130 -0.13 5.20 -10.58
CA GLN B 130 -0.14 5.00 -9.13
C GLN B 130 -0.98 3.77 -8.74
N ALA B 131 -2.09 3.56 -9.41
CA ALA B 131 -2.89 2.36 -9.17
C ALA B 131 -2.14 1.10 -9.63
N GLN B 132 -1.49 1.18 -10.78
CA GLN B 132 -0.72 0.04 -11.25
C GLN B 132 0.36 -0.33 -10.24
N ASP B 133 0.97 0.68 -9.60
CA ASP B 133 2.00 0.43 -8.61
C ASP B 133 1.43 -0.28 -7.37
N LEU B 134 0.25 0.14 -6.92
CA LEU B 134 -0.39 -0.54 -5.80
C LEU B 134 -0.72 -1.98 -6.14
N ALA B 135 -1.30 -2.22 -7.32
CA ALA B 135 -1.57 -3.58 -7.77
C ALA B 135 -0.29 -4.39 -7.84
N ARG B 136 0.80 -3.77 -8.29
CA ARG B 136 2.10 -4.46 -8.33
C ARG B 136 2.55 -4.86 -6.95
N SER B 137 2.40 -3.96 -5.97
CA SER B 137 2.81 -4.30 -4.61
C SER B 137 2.05 -5.52 -4.08
N TYR B 138 0.83 -5.75 -4.57
CA TYR B 138 0.03 -6.91 -4.18
C TYR B 138 0.18 -8.11 -5.12
N GLY B 139 0.84 -7.93 -6.26
CA GLY B 139 0.94 -8.97 -7.26
C GLY B 139 -0.36 -9.30 -7.96
N ILE B 140 -1.25 -8.33 -8.14
CA ILE B 140 -2.57 -8.61 -8.71
C ILE B 140 -2.78 -7.73 -9.91
N PRO B 141 -3.72 -8.08 -10.80
CA PRO B 141 -4.02 -7.23 -11.96
C PRO B 141 -4.74 -5.96 -11.53
N PHE B 142 -4.59 -4.92 -12.35
CA PHE B 142 -5.33 -3.68 -12.21
C PHE B 142 -6.13 -3.43 -13.49
N ILE B 143 -7.41 -3.09 -13.35
CA ILE B 143 -8.26 -2.80 -14.49
C ILE B 143 -9.04 -1.52 -14.18
N GLU B 144 -9.04 -0.57 -15.12
CA GLU B 144 -9.86 0.63 -15.00
C GLU B 144 -11.22 0.36 -15.62
N THR B 145 -12.27 0.80 -14.95
CA THR B 145 -13.63 0.48 -15.42
C THR B 145 -14.48 1.73 -15.41
N SER B 146 -15.56 1.67 -16.18
CA SER B 146 -16.66 2.62 -16.02
C SER B 146 -17.92 1.79 -15.97
N ALA B 147 -18.57 1.72 -14.81
CA ALA B 147 -19.89 1.12 -14.74
C ALA B 147 -20.88 1.90 -15.59
N LYS B 148 -20.62 3.21 -15.80
CA LYS B 148 -21.59 4.00 -16.57
C LYS B 148 -21.56 3.62 -18.04
N THR B 149 -20.37 3.55 -18.65
CA THR B 149 -20.23 3.21 -20.07
C THR B 149 -19.91 1.75 -20.34
N ARG B 150 -19.73 0.91 -19.30
CA ARG B 150 -19.46 -0.58 -19.36
C ARG B 150 -18.03 -0.96 -19.74
N GLN B 151 -17.23 0.02 -19.92
CA GLN B 151 -15.83 -0.07 -20.33
C GLN B 151 -15.03 -0.71 -19.21
N GLY B 152 -14.28 -1.76 -19.59
CA GLY B 152 -13.52 -2.49 -18.61
C GLY B 152 -14.30 -3.43 -17.72
N VAL B 153 -15.62 -3.47 -17.79
CA VAL B 153 -16.38 -4.20 -16.77
C VAL B 153 -16.19 -5.70 -16.95
N ASP B 154 -16.41 -6.21 -18.15
CA ASP B 154 -16.20 -7.63 -18.37
C ASP B 154 -14.75 -8.00 -18.11
N ASP B 155 -13.82 -7.12 -18.49
CA ASP B 155 -12.40 -7.36 -18.24
C ASP B 155 -12.14 -7.57 -16.75
N ALA B 156 -12.70 -6.70 -15.92
CA ALA B 156 -12.46 -6.81 -14.48
C ALA B 156 -12.97 -8.14 -13.95
N PHE B 157 -14.22 -8.48 -14.27
CA PHE B 157 -14.78 -9.69 -13.71
C PHE B 157 -14.13 -10.93 -14.31
N TYR B 158 -13.86 -10.89 -15.62
CA TYR B 158 -13.32 -12.07 -16.29
C TYR B 158 -11.87 -12.29 -15.87
N THR B 159 -11.13 -11.19 -15.70
CA THR B 159 -9.77 -11.31 -15.16
C THR B 159 -9.79 -11.96 -13.79
N LEU B 160 -10.73 -11.55 -12.93
CA LEU B 160 -10.83 -12.18 -11.62
C LEU B 160 -11.13 -13.68 -11.73
N VAL B 161 -12.00 -14.07 -12.66
CA VAL B 161 -12.28 -15.49 -12.86
C VAL B 161 -11.01 -16.22 -13.30
N ARG B 162 -10.22 -15.60 -14.17
CA ARG B 162 -8.97 -16.24 -14.61
C ARG B 162 -7.97 -16.32 -13.46
N GLU B 163 -7.98 -15.35 -12.55
CA GLU B 163 -7.15 -15.45 -11.34
C GLU B 163 -7.62 -16.58 -10.44
N ILE B 164 -8.94 -16.79 -10.36
CA ILE B 164 -9.47 -17.90 -9.57
C ILE B 164 -9.08 -19.23 -10.19
N ARG B 165 -9.15 -19.31 -11.52
CA ARG B 165 -8.80 -20.56 -12.20
C ARG B 165 -7.37 -20.97 -11.92
N LYS B 166 -6.45 -20.00 -12.03
CA LYS B 166 -5.04 -20.28 -11.70
C LYS B 166 -4.91 -20.78 -10.27
N HIS B 167 -5.64 -20.18 -9.34
CA HIS B 167 -5.52 -20.59 -7.95
C HIS B 167 -6.02 -22.02 -7.74
N LYS B 168 -7.14 -22.37 -8.39
CA LYS B 168 -7.75 -23.67 -8.17
C LYS B 168 -6.88 -24.79 -8.73
N GLU B 169 -6.06 -24.47 -9.73
CA GLU B 169 -5.19 -25.44 -10.38
C GLU B 169 -4.06 -25.90 -9.47
N LYS B 170 -3.75 -25.12 -8.43
CA LYS B 170 -2.58 -25.43 -7.62
C LYS B 170 -2.82 -26.64 -6.72
MG MG C . 22.03 0.10 0.68
C10 P7U D . 26.87 11.37 8.17
C14 P7U D . 27.63 7.92 9.54
C15 P7U D . 27.99 7.24 8.44
C16 P7U D . 27.99 7.92 7.16
C11 P7U D . 27.22 9.88 8.09
C12 P7U D . 27.25 9.31 9.40
C02 P7U D . 24.41 11.23 8.62
C03 P7U D . 23.20 11.88 8.91
C04 P7U D . 23.18 13.27 9.06
C05 P7U D . 24.34 13.98 8.94
C06 P7U D . 25.58 13.31 8.62
C07 P7U D . 26.74 14.12 8.50
C08 P7U D . 27.97 13.55 8.23
C09 P7U D . 28.01 12.17 8.08
C18 P7U D . 28.39 5.87 8.61
C20 P7U D . 29.89 4.01 7.53
C21 P7U D . 29.20 2.65 7.36
C23 P7U D . 28.84 1.55 5.06
C24 P7U D . 29.97 0.47 5.19
C32 P7U D . 29.25 -0.55 6.01
C33 P7U D . 29.58 -0.84 7.52
C35 P7U D . 27.41 3.57 5.96
C36 P7U D . 26.23 3.42 6.95
C37 P7U D . 25.05 4.47 6.87
C39 P7U D . 28.04 4.97 6.15
C41 P7U D . 28.04 6.02 10.90
C43 P7U D . 28.92 4.35 12.37
C44 P7U D . 29.17 4.18 13.92
C46 P7U D . 29.54 6.07 15.24
C47 P7U D . 28.49 5.15 15.84
C48 P7U D . 28.06 4.34 14.62
C49 P7U D . 31.60 4.48 14.34
C50 P7U D . 31.24 2.86 13.92
C51 P7U D . 29.81 2.70 14.16
C53 P7U D . 25.62 11.95 8.48
F13 P7U D . 26.88 9.92 10.56
N17 P7U D . 27.63 9.19 7.05
N19 P7U D . 28.77 5.03 7.49
N22 P7U D . 28.47 2.59 6.14
N38 P7U D . 24.13 5.23 6.84
N40 P7U D . 28.39 5.31 9.82
N45 P7U D . 30.22 5.23 14.45
N52 P7U D . 27.65 7.31 10.77
O25 P7U D . 31.17 0.92 5.76
O34 P7U D . 28.19 1.53 4.06
O42 P7U D . 28.04 5.44 12.22
CL01 P7U D . 24.28 9.47 8.35
PB GDP E . 21.20 -1.45 3.57
O1B GDP E . 22.68 -1.69 3.68
O2B GDP E . 20.70 -0.74 4.82
O3B GDP E . 20.93 -0.73 2.26
O3A GDP E . 20.37 -2.82 3.55
PA GDP E . 19.95 -3.72 2.29
O1A GDP E . 21.10 -3.89 1.33
O2A GDP E . 18.71 -3.26 1.62
O5' GDP E . 19.58 -5.10 3.02
C5' GDP E . 20.57 -5.77 3.78
C4' GDP E . 20.22 -7.26 3.85
O4' GDP E . 19.01 -7.38 4.60
C3' GDP E . 19.94 -7.87 2.51
O3' GDP E . 20.32 -9.25 2.63
C2' GDP E . 18.43 -7.81 2.37
O2' GDP E . 17.95 -8.92 1.63
C1' GDP E . 17.99 -8.00 3.80
N9 GDP E . 16.72 -7.34 4.17
C8 GDP E . 16.43 -6.02 4.02
N7 GDP E . 15.19 -5.75 4.50
C5 GDP E . 14.69 -6.92 4.99
C6 GDP E . 13.44 -7.36 5.65
O6 GDP E . 12.51 -6.55 5.90
N1 GDP E . 13.32 -8.66 5.99
C2 GDP E . 14.28 -9.57 5.75
N2 GDP E . 14.06 -10.86 6.14
N3 GDP E . 15.46 -9.26 5.16
C4 GDP E . 15.70 -7.96 4.77
MG MG F . -23.95 -0.69 -3.34
C10 P7U G . -15.23 -7.09 6.22
C14 P7U G . -15.27 -3.32 6.11
C15 P7U G . -16.58 -3.06 5.96
C16 P7U G . -17.51 -4.15 5.89
C11 P7U G . -15.83 -5.70 6.06
C12 P7U G . -14.87 -4.69 6.18
C02 P7U G . -14.35 -7.52 3.93
C03 P7U G . -13.65 -8.38 3.07
C04 P7U G . -13.11 -9.57 3.52
C05 P7U G . -13.27 -9.94 4.83
C06 P7U G . -13.98 -9.06 5.74
C07 P7U G . -14.14 -9.46 7.08
C08 P7U G . -14.80 -8.68 7.98
C09 P7U G . -15.34 -7.49 7.55
C18 P7U G . -16.94 -1.67 5.91
C20 P7U G . -18.83 0.06 6.23
C21 P7U G . -19.32 0.90 5.05
C23 P7U G . -21.53 0.53 3.74
C24 P7U G . -22.33 1.74 4.29
C32 P7U G . -21.70 3.07 3.92
C33 P7U G . -20.74 3.94 4.81
C35 P7U G . -19.54 -1.03 3.52
C36 P7U G . -18.27 -0.84 2.66
C37 P7U G . -17.76 -2.11 1.90
C39 P7U G . -19.22 -1.93 4.73
C41 P7U G . -14.74 -1.02 6.17
C43 P7U G . -14.24 1.21 6.76
C44 P7U G . -12.98 1.95 7.35
C46 P7U G . -11.40 0.74 8.53
C47 P7U G . -10.78 1.66 7.49
C48 P7U G . -11.96 1.85 6.54
C49 P7U G . -13.29 2.30 9.79
C50 P7U G . -14.05 3.54 8.88
C51 P7U G . -13.30 3.52 7.63
C53 P7U G . -14.51 -7.87 5.29
F13 P7U G . -13.55 -4.94 6.31
N17 P7U G . -17.11 -5.42 5.94
N19 P7U G . -18.28 -1.24 5.68
N22 P7U G . -20.09 0.16 4.10
N38 P7U G . -17.34 -3.08 1.33
N40 P7U G . -16.02 -0.70 6.00
N45 P7U G . -12.57 1.37 8.76
N52 P7U G . -14.34 -2.30 6.20
O25 P7U G . -22.62 1.67 5.67
O34 P7U G . -22.06 -0.18 2.94
O42 P7U G . -13.75 -0.03 6.29
CL01 P7U G . -15.05 -6.00 3.28
P PO4 H . -30.26 -13.16 -9.64
O1 PO4 H . -29.76 -13.94 -8.45
O2 PO4 H . -30.91 -14.13 -10.61
O3 PO4 H . -29.14 -12.38 -10.29
O4 PO4 H . -31.29 -12.12 -9.27
P PO4 I . -16.70 3.96 3.99
O1 PO4 I . -15.36 3.53 4.54
O2 PO4 I . -17.34 2.90 3.13
O3 PO4 I . -16.53 5.23 3.17
O4 PO4 I . -17.58 4.16 5.21
PB GDP J . -21.53 1.36 -4.04
O1B GDP J . -21.91 2.14 -2.80
O2B GDP J . -20.07 1.05 -4.03
O3B GDP J . -22.44 0.16 -4.23
O3A GDP J . -21.64 2.31 -5.32
PA GDP J . -22.95 2.63 -6.17
O1A GDP J . -24.13 2.88 -5.28
O2A GDP J . -23.23 1.61 -7.24
O5' GDP J . -22.51 3.97 -6.92
C5' GDP J . -22.35 5.15 -6.13
C4' GDP J . -22.54 6.38 -7.03
O4' GDP J . -21.62 6.43 -8.12
C3' GDP J . -23.91 6.35 -7.68
O3' GDP J . -24.37 7.69 -7.74
C2' GDP J . -23.62 5.82 -9.07
O2' GDP J . -24.56 6.24 -10.05
C1' GDP J . -22.26 6.39 -9.39
N9 GDP J . -21.42 5.53 -10.24
C8 GDP J . -21.09 4.24 -10.02
N7 GDP J . -20.25 3.81 -11.00
C5 GDP J . -20.00 4.85 -11.83
C6 GDP J . -19.21 5.08 -13.05
O6 GDP J . -18.48 4.21 -13.58
N1 GDP J . -19.25 6.29 -13.59
C2 GDP J . -19.98 7.31 -13.09
N2 GDP J . -19.93 8.50 -13.75
N3 GDP J . -20.72 7.18 -11.98
C4 GDP J . -20.76 5.99 -11.32
NA NA K . -15.95 15.00 -13.45
#